data_8HE6
#
_entry.id   8HE6
#
_cell.length_a   109.462
_cell.length_b   109.462
_cell.length_c   46.668
_cell.angle_alpha   90.000
_cell.angle_beta   90.000
_cell.angle_gamma   90.000
#
_symmetry.space_group_name_H-M   'P 4 21 2'
#
loop_
_entity.id
_entity.type
_entity.pdbx_description
1 polymer 'All3014 protein'
2 non-polymer 'CALCIUM ION'
3 non-polymer 'MAGNESIUM ION'
4 water water
#
_entity_poly.entity_id   1
_entity_poly.type   'polypeptide(L)'
_entity_poly.pdbx_seq_one_letter_code
;MTISLNHTIVPAHNKEASAQFFAQIFGLNVSSVGHFAAVRVNDTLTLDFDDRETFESHHYAFHVSDEEFDTIFARIKQAG
LEYSSDPMHHNKGEINHRKGGRGFYFYDPNGHNLELLTLS
;
_entity_poly.pdbx_strand_id   A,B
#
loop_
_chem_comp.id
_chem_comp.type
_chem_comp.name
_chem_comp.formula
CA non-polymer 'CALCIUM ION' 'Ca 2'
MG non-polymer 'MAGNESIUM ION' 'Mg 2'
#
# COMPACT_ATOMS: atom_id res chain seq x y z
N MET A 1 -4.12 -15.36 -2.85
CA MET A 1 -3.88 -16.83 -2.81
C MET A 1 -3.02 -17.15 -1.56
N THR A 2 -1.75 -16.73 -1.51
CA THR A 2 -1.02 -16.60 -0.23
C THR A 2 0.00 -15.47 -0.27
N ILE A 3 0.03 -14.65 -1.32
CA ILE A 3 0.76 -13.35 -1.21
C ILE A 3 -0.26 -12.33 -0.66
N SER A 4 0.05 -11.70 0.46
CA SER A 4 -0.81 -10.64 1.01
C SER A 4 0.10 -9.46 1.38
N LEU A 5 -0.39 -8.23 1.28
CA LEU A 5 0.37 -7.07 1.79
C LEU A 5 0.13 -6.94 3.28
N ASN A 6 1.18 -7.07 4.07
CA ASN A 6 1.15 -7.16 5.57
C ASN A 6 1.43 -5.78 6.16
N HIS A 7 2.40 -5.03 5.61
CA HIS A 7 2.76 -3.66 6.13
CA HIS A 7 2.61 -3.63 6.09
C HIS A 7 3.07 -2.76 4.93
N THR A 8 2.76 -1.48 5.06
CA THR A 8 3.30 -0.47 4.13
C THR A 8 3.56 0.79 4.95
N ILE A 9 4.59 1.51 4.62
CA ILE A 9 4.99 2.74 5.35
C ILE A 9 4.35 3.94 4.67
N VAL A 10 3.61 4.69 5.45
CA VAL A 10 2.91 5.90 4.98
C VAL A 10 3.71 7.07 5.53
N PRO A 11 4.32 7.87 4.63
CA PRO A 11 5.09 9.00 5.10
C PRO A 11 4.17 10.10 5.59
N ALA A 12 4.59 10.79 6.66
CA ALA A 12 3.76 11.84 7.27
C ALA A 12 4.67 12.92 7.81
N HIS A 13 4.22 14.17 7.70
CA HIS A 13 4.91 15.27 8.39
C HIS A 13 4.82 15.09 9.90
N ASN A 14 3.73 14.56 10.39
CA ASN A 14 3.49 14.36 11.83
C ASN A 14 2.84 12.98 11.97
N LYS A 15 3.62 11.97 12.35
CA LYS A 15 3.12 10.57 12.29
C LYS A 15 1.97 10.39 13.27
N GLU A 16 2.00 11.00 14.47
CA GLU A 16 0.89 10.78 15.43
C GLU A 16 -0.37 11.48 14.92
N ALA A 17 -0.26 12.70 14.43
CA ALA A 17 -1.48 13.41 13.92
C ALA A 17 -2.07 12.63 12.75
N SER A 18 -1.23 12.12 11.87
CA SER A 18 -1.68 11.38 10.67
C SER A 18 -2.30 10.04 11.07
N ALA A 19 -1.68 9.28 11.97
CA ALA A 19 -2.21 7.98 12.41
C ALA A 19 -3.55 8.20 13.16
N GLN A 20 -3.62 9.25 13.98
CA GLN A 20 -4.87 9.57 14.73
C GLN A 20 -5.96 9.97 13.77
N PHE A 21 -5.64 10.74 12.72
CA PHE A 21 -6.62 11.14 11.68
C PHE A 21 -7.18 9.87 11.08
N PHE A 22 -6.30 8.98 10.66
CA PHE A 22 -6.74 7.76 9.93
C PHE A 22 -7.57 6.87 10.86
N ALA A 23 -7.08 6.66 12.07
CA ALA A 23 -7.79 5.85 13.08
C ALA A 23 -9.15 6.44 13.40
N GLN A 24 -9.24 7.76 13.64
CA GLN A 24 -10.52 8.40 14.00
C GLN A 24 -11.51 8.18 12.84
N ILE A 25 -11.12 8.50 11.61
CA ILE A 25 -12.07 8.42 10.46
C ILE A 25 -12.47 6.97 10.16
N PHE A 26 -11.56 6.01 10.23
CA PHE A 26 -11.82 4.60 9.88
C PHE A 26 -12.32 3.76 11.07
N GLY A 27 -12.34 4.31 12.28
CA GLY A 27 -12.79 3.53 13.47
C GLY A 27 -11.76 2.50 13.92
N LEU A 28 -10.48 2.87 13.94
CA LEU A 28 -9.35 1.96 14.24
C LEU A 28 -8.59 2.52 15.44
N ASN A 29 -7.45 1.91 15.75
N ASN A 29 -7.44 1.93 15.76
CA ASN A 29 -6.61 2.22 16.93
CA ASN A 29 -6.63 2.32 16.93
C ASN A 29 -5.17 2.52 16.47
C ASN A 29 -5.17 2.47 16.53
N VAL A 30 -4.50 3.40 17.20
CA VAL A 30 -3.05 3.68 16.98
C VAL A 30 -2.24 2.94 18.02
N SER A 31 -1.16 2.29 17.61
CA SER A 31 -0.13 1.75 18.52
C SER A 31 1.24 2.34 18.18
N SER A 32 2.01 2.62 19.20
CA SER A 32 3.42 3.02 19.06
C SER A 32 4.26 1.74 18.86
N VAL A 33 4.87 1.57 17.71
CA VAL A 33 5.67 0.38 17.34
C VAL A 33 7.00 0.87 16.77
N GLY A 34 8.08 0.75 17.54
CA GLY A 34 9.37 1.30 17.09
C GLY A 34 9.22 2.77 16.75
N HIS A 35 9.71 3.22 15.60
N HIS A 35 9.71 3.17 15.58
CA HIS A 35 9.62 4.65 15.21
CA HIS A 35 9.67 4.58 15.12
C HIS A 35 8.33 4.90 14.41
C HIS A 35 8.35 4.88 14.41
N PHE A 36 7.39 3.96 14.39
CA PHE A 36 6.10 4.16 13.68
C PHE A 36 4.95 4.46 14.62
N ALA A 37 3.98 5.23 14.13
CA ALA A 37 2.59 5.24 14.65
C ALA A 37 1.78 4.28 13.76
N ALA A 38 1.51 3.08 14.27
CA ALA A 38 0.98 1.93 13.48
C ALA A 38 -0.54 1.84 13.64
N VAL A 39 -1.23 1.67 12.50
CA VAL A 39 -2.70 1.47 12.49
C VAL A 39 -2.99 0.11 11.83
N ARG A 40 -3.39 -0.88 12.63
CA ARG A 40 -3.88 -2.17 12.11
C ARG A 40 -5.21 -1.92 11.42
N VAL A 41 -5.27 -2.20 10.13
CA VAL A 41 -6.51 -2.00 9.34
C VAL A 41 -7.44 -3.21 9.50
N ASN A 42 -6.88 -4.40 9.56
CA ASN A 42 -7.61 -5.69 9.56
C ASN A 42 -6.62 -6.78 10.00
N ASP A 43 -6.94 -8.07 9.83
CA ASP A 43 -6.08 -9.14 10.38
C ASP A 43 -4.78 -9.25 9.57
N THR A 44 -4.73 -8.65 8.39
CA THR A 44 -3.67 -8.87 7.37
C THR A 44 -2.75 -7.63 7.31
N LEU A 45 -3.32 -6.43 7.34
CA LEU A 45 -2.61 -5.19 6.93
C LEU A 45 -2.45 -4.22 8.11
N THR A 46 -1.25 -3.63 8.22
CA THR A 46 -0.95 -2.52 9.14
C THR A 46 -0.35 -1.38 8.32
N LEU A 47 -0.86 -0.18 8.53
CA LEU A 47 -0.26 1.05 7.98
C LEU A 47 0.70 1.63 9.02
N ASP A 48 1.98 1.78 8.66
CA ASP A 48 3.04 2.31 9.57
C ASP A 48 3.31 3.77 9.23
N PHE A 49 2.78 4.69 10.02
CA PHE A 49 2.97 6.15 9.77
C PHE A 49 4.38 6.48 10.25
N ASP A 50 5.15 7.15 9.40
CA ASP A 50 6.59 7.40 9.59
C ASP A 50 6.85 8.89 9.37
N ASP A 51 7.58 9.53 10.30
CA ASP A 51 7.88 10.98 10.15
C ASP A 51 8.81 11.18 8.94
N ARG A 52 8.46 12.11 8.07
CA ARG A 52 9.18 12.38 6.80
CA ARG A 52 9.19 12.39 6.81
C ARG A 52 8.96 13.85 6.43
N GLU A 53 10.03 14.54 6.03
CA GLU A 53 9.95 15.96 5.67
C GLU A 53 9.44 16.10 4.23
N THR A 54 9.88 15.24 3.31
CA THR A 54 9.66 15.41 1.84
C THR A 54 9.19 14.10 1.23
N PHE A 55 8.05 14.11 0.55
CA PHE A 55 7.50 12.91 -0.08
C PHE A 55 6.36 13.36 -0.98
N GLU A 56 5.93 12.47 -1.86
CA GLU A 56 4.83 12.73 -2.81
CA GLU A 56 4.81 12.79 -2.78
C GLU A 56 3.55 12.06 -2.28
N SER A 57 2.43 12.48 -2.82
CA SER A 57 1.08 11.96 -2.46
C SER A 57 1.00 10.47 -2.79
N HIS A 58 0.58 9.63 -1.84
CA HIS A 58 0.25 8.20 -2.05
C HIS A 58 -1.24 8.09 -2.42
N HIS A 59 -1.65 6.93 -2.88
CA HIS A 59 -3.07 6.64 -3.17
C HIS A 59 -3.39 5.27 -2.61
N TYR A 60 -4.39 5.20 -1.72
CA TYR A 60 -4.89 3.94 -1.12
C TYR A 60 -6.40 3.87 -1.31
N ALA A 61 -6.87 2.78 -1.92
CA ALA A 61 -8.31 2.54 -2.15
C ALA A 61 -8.74 1.35 -1.27
N PHE A 62 -9.72 1.59 -0.43
CA PHE A 62 -10.24 0.58 0.51
C PHE A 62 -11.65 0.15 0.15
N HIS A 63 -11.85 -1.16 0.09
CA HIS A 63 -13.18 -1.80 -0.08
C HIS A 63 -13.81 -1.91 1.30
N VAL A 64 -15.04 -1.44 1.43
CA VAL A 64 -15.78 -1.54 2.72
C VAL A 64 -17.22 -2.00 2.45
N SER A 65 -17.95 -2.40 3.48
CA SER A 65 -19.39 -2.72 3.43
C SER A 65 -20.19 -1.42 3.29
N ASP A 66 -21.48 -1.54 2.98
CA ASP A 66 -22.36 -0.35 2.90
C ASP A 66 -22.38 0.32 4.28
N GLU A 67 -22.52 -0.46 5.35
CA GLU A 67 -22.62 0.08 6.71
C GLU A 67 -21.31 0.81 7.07
N GLU A 68 -20.16 0.24 6.74
CA GLU A 68 -18.86 0.88 7.02
C GLU A 68 -18.74 2.16 6.20
N PHE A 69 -19.11 2.08 4.93
CA PHE A 69 -19.07 3.25 4.03
C PHE A 69 -19.84 4.40 4.66
N ASP A 70 -21.10 4.13 5.08
CA ASP A 70 -21.96 5.17 5.68
C ASP A 70 -21.32 5.72 6.94
N THR A 71 -20.78 4.85 7.81
CA THR A 71 -20.21 5.27 9.10
C THR A 71 -18.98 6.17 8.86
N ILE A 72 -18.13 5.73 7.92
CA ILE A 72 -16.90 6.52 7.62
C ILE A 72 -17.26 7.84 6.96
N PHE A 73 -18.15 7.81 5.97
CA PHE A 73 -18.57 9.02 5.25
C PHE A 73 -19.15 10.04 6.24
N ALA A 74 -19.96 9.59 7.21
CA ALA A 74 -20.58 10.48 8.22
C ALA A 74 -19.49 11.13 9.08
N ARG A 75 -18.44 10.39 9.46
CA ARG A 75 -17.30 10.97 10.25
C ARG A 75 -16.60 12.04 9.43
N ILE A 76 -16.42 11.79 8.14
CA ILE A 76 -15.75 12.77 7.22
C ILE A 76 -16.58 14.05 7.16
N LYS A 77 -17.91 13.93 6.98
CA LYS A 77 -18.75 15.16 6.98
C LYS A 77 -18.71 15.86 8.34
N GLN A 78 -18.76 15.11 9.45
CA GLN A 78 -18.79 15.70 10.81
C GLN A 78 -17.45 16.41 11.08
N ALA A 79 -16.36 15.89 10.53
CA ALA A 79 -15.00 16.45 10.70
C ALA A 79 -14.80 17.71 9.84
N GLY A 80 -15.70 18.01 8.91
CA GLY A 80 -15.63 19.20 8.04
C GLY A 80 -14.66 19.06 6.87
N LEU A 81 -14.37 17.82 6.45
CA LEU A 81 -13.43 17.55 5.34
C LEU A 81 -14.14 17.57 3.99
N GLU A 82 -13.43 17.99 2.96
CA GLU A 82 -13.92 17.92 1.57
C GLU A 82 -13.69 16.50 1.05
N TYR A 83 -14.49 16.12 0.08
CA TYR A 83 -14.38 14.84 -0.64
C TYR A 83 -14.80 15.09 -2.08
N SER A 84 -14.62 14.08 -2.93
CA SER A 84 -14.91 14.24 -4.38
C SER A 84 -15.34 12.90 -4.95
N SER A 85 -15.98 12.95 -6.12
CA SER A 85 -16.41 11.74 -6.84
C SER A 85 -15.30 11.20 -7.71
N ASP A 86 -14.31 12.04 -8.03
CA ASP A 86 -13.23 11.76 -9.01
C ASP A 86 -11.83 11.83 -8.34
N PRO A 87 -10.85 11.08 -8.84
CA PRO A 87 -9.53 11.02 -8.21
C PRO A 87 -8.77 12.35 -8.21
N MET A 88 -9.07 13.25 -9.17
CA MET A 88 -8.38 14.58 -9.25
C MET A 88 -9.12 15.63 -8.43
N HIS A 89 -10.24 15.28 -7.77
CA HIS A 89 -11.00 16.19 -6.88
C HIS A 89 -11.53 17.42 -7.65
N HIS A 90 -11.86 17.26 -8.92
CA HIS A 90 -12.49 18.33 -9.73
C HIS A 90 -13.99 18.45 -9.34
N ASN A 91 -14.61 17.38 -8.88
CA ASN A 91 -16.06 17.35 -8.52
C ASN A 91 -16.25 17.13 -7.02
N LYS A 92 -16.21 18.20 -6.23
CA LYS A 92 -16.25 18.16 -4.76
C LYS A 92 -17.69 18.07 -4.25
N GLY A 93 -17.85 17.52 -3.05
CA GLY A 93 -19.15 17.43 -2.35
C GLY A 93 -20.11 16.47 -3.04
N GLU A 94 -19.62 15.48 -3.77
CA GLU A 94 -20.46 14.43 -4.37
C GLU A 94 -19.71 13.11 -4.38
N ILE A 95 -20.43 12.00 -4.46
CA ILE A 95 -19.81 10.65 -4.57
C ILE A 95 -20.03 10.09 -5.97
N ASN A 96 -19.31 9.05 -6.32
CA ASN A 96 -19.50 8.36 -7.61
C ASN A 96 -20.38 7.14 -7.33
N HIS A 97 -21.00 6.66 -8.40
CA HIS A 97 -21.81 5.42 -8.36
C HIS A 97 -21.26 4.42 -9.38
N ARG A 98 -19.94 4.20 -9.40
CA ARG A 98 -19.31 3.34 -10.44
C ARG A 98 -19.21 1.89 -9.96
N LYS A 99 -19.09 0.97 -10.92
CA LYS A 99 -18.91 -0.49 -10.71
C LYS A 99 -20.07 -1.08 -9.87
N GLY A 100 -21.30 -0.58 -10.08
CA GLY A 100 -22.50 -1.02 -9.35
C GLY A 100 -22.41 -0.72 -7.86
N GLY A 101 -21.52 0.20 -7.47
CA GLY A 101 -21.29 0.55 -6.05
C GLY A 101 -21.37 2.04 -5.80
N ARG A 102 -20.66 2.47 -4.75
CA ARG A 102 -20.54 3.87 -4.35
C ARG A 102 -19.04 4.04 -4.06
N GLY A 103 -18.55 5.23 -4.36
CA GLY A 103 -17.14 5.53 -4.13
C GLY A 103 -16.94 6.99 -3.89
N PHE A 104 -15.86 7.34 -3.18
CA PHE A 104 -15.47 8.76 -3.13
C PHE A 104 -14.00 8.81 -2.72
N TYR A 105 -13.44 9.98 -2.85
CA TYR A 105 -12.02 10.27 -2.54
C TYR A 105 -11.96 11.36 -1.51
N PHE A 106 -10.95 11.30 -0.63
CA PHE A 106 -10.74 12.40 0.31
C PHE A 106 -9.25 12.39 0.65
N TYR A 107 -8.70 13.59 0.89
CA TYR A 107 -7.26 13.69 1.25
C TYR A 107 -7.08 13.50 2.74
N ASP A 108 -5.94 12.92 3.12
CA ASP A 108 -5.48 12.90 4.52
C ASP A 108 -4.73 14.21 4.77
N PRO A 109 -4.22 14.42 6.00
CA PRO A 109 -3.59 15.70 6.33
C PRO A 109 -2.31 16.00 5.52
N ASN A 110 -1.73 14.97 4.89
CA ASN A 110 -0.48 15.09 4.11
C ASN A 110 -0.81 15.29 2.65
N GLY A 111 -2.08 15.17 2.27
CA GLY A 111 -2.45 15.16 0.86
C GLY A 111 -2.40 13.79 0.23
N HIS A 112 -2.31 12.70 0.99
CA HIS A 112 -2.47 11.34 0.41
C HIS A 112 -3.94 11.19 -0.01
N ASN A 113 -4.16 10.54 -1.15
CA ASN A 113 -5.51 10.43 -1.73
C ASN A 113 -6.09 9.13 -1.20
N LEU A 114 -7.08 9.21 -0.32
CA LEU A 114 -7.77 8.03 0.17
C LEU A 114 -9.09 7.82 -0.58
N GLU A 115 -9.31 6.60 -1.03
CA GLU A 115 -10.51 6.24 -1.82
C GLU A 115 -11.28 5.19 -1.01
N LEU A 116 -12.60 5.34 -0.92
CA LEU A 116 -13.50 4.32 -0.35
C LEU A 116 -14.38 3.81 -1.48
N LEU A 117 -14.63 2.51 -1.50
CA LEU A 117 -15.53 1.91 -2.52
C LEU A 117 -16.29 0.73 -1.89
N THR A 118 -17.55 0.57 -2.30
CA THR A 118 -18.37 -0.61 -1.89
C THR A 118 -18.35 -1.70 -2.97
N LEU A 119 -18.15 -1.34 -4.23
CA LEU A 119 -18.08 -2.34 -5.35
C LEU A 119 -19.36 -3.19 -5.35
N SER A 120 -19.23 -4.52 -5.25
CA SER A 120 -20.33 -5.52 -5.33
C SER A 120 -19.73 -6.94 -5.25
N MET B 1 -18.78 -4.87 7.71
CA MET B 1 -17.90 -6.01 8.11
C MET B 1 -16.43 -5.54 8.23
N THR B 2 -15.70 -5.33 7.10
CA THR B 2 -14.22 -5.36 7.07
C THR B 2 -13.64 -4.39 6.02
N ILE B 3 -12.66 -3.60 6.44
CA ILE B 3 -11.93 -2.64 5.58
C ILE B 3 -10.77 -3.43 4.94
N SER B 4 -10.69 -3.44 3.63
CA SER B 4 -9.57 -4.16 2.96
C SER B 4 -8.94 -3.22 1.95
N LEU B 5 -7.62 -3.26 1.81
CA LEU B 5 -6.95 -2.47 0.74
C LEU B 5 -7.16 -3.14 -0.63
N ASN B 6 -7.81 -2.44 -1.56
CA ASN B 6 -8.28 -3.00 -2.86
C ASN B 6 -7.26 -2.64 -3.97
N HIS B 7 -6.77 -1.41 -3.94
CA HIS B 7 -5.79 -0.87 -4.91
CA HIS B 7 -5.65 -1.04 -4.82
C HIS B 7 -4.80 0.02 -4.16
N THR B 8 -3.57 0.13 -4.67
CA THR B 8 -2.66 1.24 -4.31
C THR B 8 -1.82 1.57 -5.54
N ILE B 9 -1.53 2.84 -5.72
CA ILE B 9 -0.71 3.29 -6.88
C ILE B 9 0.77 3.27 -6.51
N VAL B 10 1.54 2.54 -7.30
CA VAL B 10 3.00 2.43 -7.13
C VAL B 10 3.59 3.33 -8.21
N PRO B 11 4.29 4.41 -7.84
CA PRO B 11 4.88 5.28 -8.82
C PRO B 11 6.10 4.62 -9.43
N ALA B 12 6.32 4.83 -10.73
CA ALA B 12 7.42 4.20 -11.45
C ALA B 12 7.91 5.14 -12.53
N HIS B 13 9.21 5.12 -12.79
CA HIS B 13 9.75 5.83 -13.97
C HIS B 13 9.25 5.18 -15.26
N ASN B 14 9.06 3.88 -15.27
CA ASN B 14 8.61 3.11 -16.46
C ASN B 14 7.59 2.08 -15.93
N LYS B 15 6.31 2.35 -16.10
CA LYS B 15 5.28 1.54 -15.42
C LYS B 15 5.30 0.12 -16.00
N GLU B 16 5.55 -0.05 -17.29
CA GLU B 16 5.57 -1.43 -17.84
C GLU B 16 6.77 -2.20 -17.33
N ALA B 17 7.94 -1.59 -17.28
CA ALA B 17 9.14 -2.27 -16.80
C ALA B 17 8.95 -2.65 -15.34
N SER B 18 8.41 -1.73 -14.56
CA SER B 18 8.22 -1.97 -13.12
C SER B 18 7.18 -3.06 -12.86
N ALA B 19 6.06 -3.04 -13.56
CA ALA B 19 5.00 -4.05 -13.40
C ALA B 19 5.52 -5.42 -13.84
N GLN B 20 6.30 -5.45 -14.92
CA GLN B 20 6.87 -6.74 -15.42
C GLN B 20 7.87 -7.28 -14.43
N PHE B 21 8.71 -6.41 -13.84
CA PHE B 21 9.69 -6.83 -12.81
C PHE B 21 8.94 -7.48 -11.66
N PHE B 22 7.88 -6.82 -11.21
CA PHE B 22 7.13 -7.29 -10.00
C PHE B 22 6.42 -8.61 -10.33
N ALA B 23 5.74 -8.65 -11.46
CA ALA B 23 4.99 -9.85 -11.89
C ALA B 23 5.97 -11.02 -12.10
N GLN B 24 7.13 -10.78 -12.72
CA GLN B 24 8.10 -11.88 -12.99
C GLN B 24 8.59 -12.44 -11.65
N ILE B 25 9.01 -11.59 -10.72
CA ILE B 25 9.59 -12.06 -9.44
C ILE B 25 8.50 -12.75 -8.58
N PHE B 26 7.27 -12.23 -8.55
CA PHE B 26 6.17 -12.76 -7.67
C PHE B 26 5.36 -13.87 -8.36
N GLY B 27 5.59 -14.16 -9.64
CA GLY B 27 4.83 -15.16 -10.39
C GLY B 27 3.41 -14.73 -10.68
N LEU B 28 3.22 -13.44 -11.03
CA LEU B 28 1.89 -12.84 -11.28
C LEU B 28 1.81 -12.38 -12.73
N ASN B 29 0.75 -11.67 -13.09
CA ASN B 29 0.51 -11.20 -14.47
CA ASN B 29 0.47 -11.21 -14.47
C ASN B 29 0.26 -9.69 -14.52
N VAL B 30 0.64 -9.07 -15.63
CA VAL B 30 0.42 -7.63 -15.87
C VAL B 30 -0.78 -7.44 -16.77
N SER B 31 -1.67 -6.52 -16.42
CA SER B 31 -2.78 -6.05 -17.29
C SER B 31 -2.70 -4.54 -17.49
N SER B 32 -2.92 -4.09 -18.72
CA SER B 32 -3.15 -2.66 -19.02
C SER B 32 -4.57 -2.27 -18.61
N VAL B 33 -4.69 -1.38 -17.63
CA VAL B 33 -5.99 -0.92 -17.08
C VAL B 33 -5.94 0.60 -17.02
N GLY B 34 -6.70 1.27 -17.87
CA GLY B 34 -6.63 2.75 -17.93
C GLY B 34 -5.21 3.19 -18.16
N HIS B 35 -4.70 4.11 -17.35
CA HIS B 35 -3.30 4.60 -17.51
CA HIS B 35 -3.32 4.65 -17.47
C HIS B 35 -2.34 3.82 -16.60
N PHE B 36 -2.77 2.69 -16.07
CA PHE B 36 -1.90 1.85 -15.18
C PHE B 36 -1.40 0.61 -15.90
N ALA B 37 -0.25 0.09 -15.45
CA ALA B 37 0.13 -1.32 -15.62
C ALA B 37 -0.20 -2.01 -14.30
N ALA B 38 -1.31 -2.75 -14.25
CA ALA B 38 -1.90 -3.32 -13.04
C ALA B 38 -1.39 -4.74 -12.81
N VAL B 39 -0.99 -5.05 -11.57
CA VAL B 39 -0.64 -6.42 -11.14
C VAL B 39 -1.59 -6.85 -10.00
N ARG B 40 -2.49 -7.76 -10.31
CA ARG B 40 -3.36 -8.39 -9.28
C ARG B 40 -2.49 -9.28 -8.41
N VAL B 41 -2.42 -8.97 -7.14
CA VAL B 41 -1.58 -9.73 -6.18
C VAL B 41 -2.34 -10.97 -5.66
N ASN B 42 -3.63 -10.82 -5.47
CA ASN B 42 -4.50 -11.85 -4.84
C ASN B 42 -5.94 -11.45 -5.13
N ASP B 43 -6.92 -12.13 -4.53
CA ASP B 43 -8.31 -11.90 -4.96
C ASP B 43 -8.82 -10.56 -4.41
N THR B 44 -8.07 -9.86 -3.56
CA THR B 44 -8.54 -8.55 -3.01
C THR B 44 -7.68 -7.34 -3.43
N LEU B 45 -6.38 -7.52 -3.70
CA LEU B 45 -5.43 -6.38 -3.89
C LEU B 45 -4.86 -6.34 -5.31
N THR B 46 -4.81 -5.14 -5.88
CA THR B 46 -4.13 -4.86 -7.16
C THR B 46 -3.13 -3.75 -6.94
N LEU B 47 -1.91 -3.91 -7.42
CA LEU B 47 -0.91 -2.82 -7.45
C LEU B 47 -0.97 -2.14 -8.83
N ASP B 48 -1.27 -0.84 -8.83
CA ASP B 48 -1.39 -0.06 -10.09
C ASP B 48 -0.10 0.71 -10.34
N PHE B 49 0.73 0.24 -11.27
CA PHE B 49 2.01 0.97 -11.58
C PHE B 49 1.66 2.14 -12.47
N ASP B 50 2.20 3.31 -12.11
CA ASP B 50 1.82 4.61 -12.70
C ASP B 50 3.08 5.36 -13.08
N ASP B 51 3.17 5.85 -14.32
CA ASP B 51 4.36 6.62 -14.77
C ASP B 51 4.47 7.91 -13.97
N ARG B 52 5.64 8.14 -13.36
CA ARG B 52 5.91 9.34 -12.53
CA ARG B 52 5.91 9.35 -12.54
C ARG B 52 7.39 9.71 -12.63
N GLU B 53 7.68 11.00 -12.75
CA GLU B 53 9.08 11.45 -12.92
C GLU B 53 9.76 11.59 -11.56
N THR B 54 9.04 12.05 -10.53
CA THR B 54 9.62 12.38 -9.20
C THR B 54 8.77 11.77 -8.09
N PHE B 55 9.41 11.01 -7.21
CA PHE B 55 8.70 10.37 -6.07
C PHE B 55 9.80 9.83 -5.18
N GLU B 56 9.44 9.50 -3.97
CA GLU B 56 10.34 8.89 -2.96
CA GLU B 56 10.38 8.89 -3.01
C GLU B 56 10.10 7.38 -2.90
N SER B 57 11.04 6.67 -2.30
CA SER B 57 11.02 5.20 -2.18
C SER B 57 9.80 4.80 -1.30
N HIS B 58 9.00 3.87 -1.76
CA HIS B 58 7.91 3.23 -0.97
C HIS B 58 8.45 2.01 -0.26
N HIS B 59 7.70 1.50 0.70
CA HIS B 59 8.07 0.24 1.40
C HIS B 59 6.84 -0.65 1.43
N TYR B 60 6.93 -1.85 0.86
CA TYR B 60 5.84 -2.84 0.85
C TYR B 60 6.38 -4.14 1.44
N ALA B 61 5.71 -4.66 2.47
CA ALA B 61 6.06 -5.96 3.07
C ALA B 61 4.97 -6.97 2.80
N PHE B 62 5.35 -8.10 2.21
CA PHE B 62 4.42 -9.17 1.81
C PHE B 62 4.65 -10.42 2.67
N HIS B 63 3.55 -10.91 3.23
CA HIS B 63 3.45 -12.25 3.87
C HIS B 63 3.29 -13.26 2.75
N VAL B 64 4.10 -14.31 2.77
CA VAL B 64 3.95 -15.41 1.78
C VAL B 64 4.06 -16.74 2.53
N SER B 65 3.62 -17.82 1.89
CA SER B 65 3.81 -19.20 2.40
C SER B 65 5.29 -19.57 2.31
N ASP B 66 5.71 -20.63 3.00
CA ASP B 66 7.13 -21.10 2.97
C ASP B 66 7.50 -21.48 1.54
N GLU B 67 6.60 -22.15 0.83
CA GLU B 67 6.81 -22.60 -0.55
C GLU B 67 7.01 -21.37 -1.44
N GLU B 68 6.14 -20.35 -1.29
CA GLU B 68 6.22 -19.11 -2.09
C GLU B 68 7.53 -18.39 -1.77
N PHE B 69 7.91 -18.33 -0.50
CA PHE B 69 9.17 -17.71 -0.07
C PHE B 69 10.33 -18.30 -0.89
N ASP B 70 10.43 -19.63 -0.85
CA ASP B 70 11.53 -20.36 -1.55
C ASP B 70 11.49 -20.07 -3.05
N THR B 71 10.31 -20.07 -3.67
CA THR B 71 10.14 -19.85 -5.12
C THR B 71 10.55 -18.43 -5.49
N ILE B 72 10.07 -17.44 -4.76
CA ILE B 72 10.42 -16.02 -5.06
C ILE B 72 11.90 -15.77 -4.78
N PHE B 73 12.43 -16.27 -3.70
CA PHE B 73 13.86 -16.07 -3.37
C PHE B 73 14.75 -16.65 -4.48
N ALA B 74 14.40 -17.82 -5.02
CA ALA B 74 15.15 -18.46 -6.13
C ALA B 74 15.13 -17.55 -7.37
N ARG B 75 13.98 -16.92 -7.65
CA ARG B 75 13.86 -16.04 -8.84
C ARG B 75 14.75 -14.81 -8.67
N ILE B 76 14.80 -14.25 -7.46
CA ILE B 76 15.65 -13.07 -7.16
C ILE B 76 17.12 -13.45 -7.38
N LYS B 77 17.55 -14.62 -6.90
CA LYS B 77 18.97 -15.01 -7.11
C LYS B 77 19.22 -15.27 -8.60
N GLN B 78 18.29 -15.92 -9.32
CA GLN B 78 18.43 -16.27 -10.75
C GLN B 78 18.51 -14.95 -11.55
N ALA B 79 17.78 -13.92 -11.13
CA ALA B 79 17.71 -12.61 -11.84
C ALA B 79 18.97 -11.78 -11.58
N GLY B 80 19.86 -12.19 -10.66
CA GLY B 80 21.10 -11.48 -10.31
C GLY B 80 20.88 -10.25 -9.44
N LEU B 81 19.78 -10.19 -8.69
CA LEU B 81 19.46 -9.05 -7.81
C LEU B 81 20.09 -9.20 -6.42
N GLU B 82 20.44 -8.08 -5.82
CA GLU B 82 20.93 -8.02 -4.42
C GLU B 82 19.73 -8.04 -3.47
N TYR B 83 19.96 -8.54 -2.29
CA TYR B 83 18.95 -8.57 -1.19
C TYR B 83 19.69 -8.41 0.13
N SER B 84 18.96 -8.19 1.21
CA SER B 84 19.53 -7.91 2.54
C SER B 84 18.61 -8.48 3.64
N SER B 85 19.17 -8.68 4.82
CA SER B 85 18.41 -9.17 5.98
C SER B 85 17.72 -8.00 6.69
N ASP B 86 18.20 -6.78 6.49
CA ASP B 86 17.83 -5.56 7.24
C ASP B 86 17.22 -4.52 6.29
N PRO B 87 16.29 -3.66 6.78
CA PRO B 87 15.62 -2.70 5.92
C PRO B 87 16.54 -1.68 5.24
N MET B 88 17.68 -1.35 5.86
CA MET B 88 18.63 -0.36 5.32
C MET B 88 19.63 -1.00 4.36
N HIS B 89 19.59 -2.31 4.15
CA HIS B 89 20.45 -3.03 3.18
C HIS B 89 21.92 -2.90 3.58
N HIS B 90 22.22 -2.81 4.88
CA HIS B 90 23.63 -2.84 5.38
C HIS B 90 24.15 -4.28 5.34
N ASN B 91 23.29 -5.29 5.39
CA ASN B 91 23.67 -6.72 5.48
C ASN B 91 23.20 -7.48 4.26
N LYS B 92 23.98 -7.44 3.17
CA LYS B 92 23.60 -7.98 1.85
C LYS B 92 23.91 -9.47 1.78
N GLY B 93 23.17 -10.19 0.94
CA GLY B 93 23.41 -11.62 0.65
C GLY B 93 23.05 -12.51 1.82
N GLU B 94 22.18 -12.06 2.73
CA GLU B 94 21.68 -12.91 3.83
C GLU B 94 20.19 -12.58 4.09
N ILE B 95 19.49 -13.50 4.75
CA ILE B 95 18.08 -13.35 5.17
C ILE B 95 18.02 -13.18 6.69
N ASN B 96 16.89 -12.69 7.17
CA ASN B 96 16.63 -12.57 8.63
C ASN B 96 15.79 -13.78 9.05
N HIS B 97 15.76 -14.03 10.36
CA HIS B 97 14.95 -15.10 11.00
C HIS B 97 14.08 -14.48 12.09
N ARG B 98 13.55 -13.27 11.87
CA ARG B 98 12.75 -12.55 12.91
C ARG B 98 11.46 -13.35 13.15
N LYS B 99 10.98 -13.32 14.40
CA LYS B 99 9.67 -13.88 14.82
C LYS B 99 9.54 -15.37 14.46
N GLY B 100 10.63 -16.14 14.54
CA GLY B 100 10.63 -17.58 14.18
C GLY B 100 10.31 -17.84 12.71
N GLY B 101 10.37 -16.79 11.88
CA GLY B 101 10.06 -16.89 10.43
C GLY B 101 11.31 -16.70 9.60
N ARG B 102 11.14 -16.39 8.31
CA ARG B 102 12.28 -16.00 7.44
C ARG B 102 11.87 -14.71 6.74
N GLY B 103 12.82 -13.84 6.49
CA GLY B 103 12.51 -12.54 5.83
C GLY B 103 13.69 -12.04 5.03
N PHE B 104 13.45 -11.20 4.00
CA PHE B 104 14.56 -10.40 3.44
C PHE B 104 13.93 -9.18 2.72
N TYR B 105 14.80 -8.27 2.34
CA TYR B 105 14.44 -7.01 1.62
C TYR B 105 15.14 -6.99 0.27
N PHE B 106 14.46 -6.42 -0.73
CA PHE B 106 15.14 -6.25 -2.05
C PHE B 106 14.48 -5.05 -2.71
N TYR B 107 15.27 -4.27 -3.43
CA TYR B 107 14.77 -3.07 -4.14
C TYR B 107 14.19 -3.46 -5.49
N ASP B 108 13.13 -2.76 -5.88
CA ASP B 108 12.59 -2.82 -7.23
C ASP B 108 13.43 -1.88 -8.10
N PRO B 109 13.09 -1.79 -9.40
CA PRO B 109 13.90 -0.96 -10.31
C PRO B 109 13.86 0.55 -10.01
N ASN B 110 12.89 0.99 -9.21
CA ASN B 110 12.72 2.41 -8.81
C ASN B 110 13.42 2.68 -7.49
N GLY B 111 13.86 1.63 -6.81
CA GLY B 111 14.35 1.80 -5.44
C GLY B 111 13.27 1.66 -4.39
N HIS B 112 12.08 1.20 -4.72
CA HIS B 112 11.08 0.82 -3.68
C HIS B 112 11.61 -0.39 -2.90
N ASN B 113 11.43 -0.37 -1.59
CA ASN B 113 11.97 -1.41 -0.68
C ASN B 113 10.89 -2.47 -0.55
N LEU B 114 11.11 -3.63 -1.17
CA LEU B 114 10.16 -4.77 -1.09
C LEU B 114 10.65 -5.74 -0.02
N GLU B 115 9.74 -6.19 0.83
CA GLU B 115 10.10 -7.05 1.99
C GLU B 115 9.27 -8.32 1.83
N LEU B 116 9.88 -9.50 1.98
CA LEU B 116 9.15 -10.78 2.05
C LEU B 116 9.32 -11.33 3.47
N LEU B 117 8.26 -11.90 4.02
CA LEU B 117 8.29 -12.55 5.36
C LEU B 117 7.35 -13.76 5.35
N THR B 118 7.69 -14.82 6.10
CA THR B 118 6.82 -16.03 6.22
C THR B 118 5.88 -16.01 7.43
N LEU B 119 6.21 -15.32 8.51
CA LEU B 119 5.31 -15.28 9.71
C LEU B 119 5.09 -13.81 10.14
N SER B 120 3.82 -13.35 10.18
CA SER B 120 3.40 -11.93 10.27
C SER B 120 3.05 -11.52 11.72
CA CA C . -3.50 -8.23 0.57
MG MG D . -6.10 -5.63 3.26
#